data_6GI9
#
_entry.id   6GI9
#
_cell.length_a   57.320
_cell.length_b   70.320
_cell.length_c   88.780
_cell.angle_alpha   90.000
_cell.angle_beta   90.000
_cell.angle_gamma   90.000
#
_symmetry.space_group_name_H-M   'P 21 21 21'
#
loop_
_entity.id
_entity.type
_entity.pdbx_description
1 polymer 'Pentaerythritol tetranitrate reductase'
2 non-polymer 'FLAVIN MONONUCLEOTIDE'
3 non-polymer 'ACETATE ION'
4 water water
#
_entity_poly.entity_id   1
_entity_poly.type   'polypeptide(L)'
_entity_poly.pdbx_seq_one_letter_code
;MSAEKLFTPLKVGAVTAPNRVFMAPLTRLRSIEPGDIPTPLMGEYYRQRASAGLIISEATQISAQAKGYAGAPGLHSPEQ
IAAWKKITAGVHAEDGRIAVQLWHTGRLSHSSIQPGGQAPVSASALNANTRTSLRDENGNAIRVDTTTPRALELDEIPGI
VNDFRQAVANAREAGFDLVELHSAHGYLLHQFLSPSSNQRTDQYGGSVENRARLVLEVVDAVCNEWSADRIGIRVSPIGT
FQNVDNGPNEEADALYLIEELAKRGIAYLHMSETDLAGGKPYSEAFRQKVRERFHGVIIGAGAYTAEKAEDLIGKGLIDA
VAFGRDYIANPDLVARLQKKAELNPQRPESFYGGGAEGYTDYPSLHHHHHHHH
;
_entity_poly.pdbx_strand_id   A
#
loop_
_chem_comp.id
_chem_comp.type
_chem_comp.name
_chem_comp.formula
ACT non-polymer 'ACETATE ION' 'C2 H3 O2 -1'
FMN non-polymer 'FLAVIN MONONUCLEOTIDE' 'C17 H21 N4 O9 P'
#
# COMPACT_ATOMS: atom_id res chain seq x y z
N GLU A 4 16.87 -22.86 1.81
CA GLU A 4 15.71 -22.04 2.10
C GLU A 4 15.92 -20.54 1.90
N LYS A 5 15.62 -20.10 0.68
CA LYS A 5 15.97 -18.75 0.30
C LYS A 5 15.16 -17.73 1.08
N LEU A 6 14.03 -18.13 1.67
CA LEU A 6 13.16 -17.17 2.34
C LEU A 6 13.85 -16.45 3.47
N PHE A 7 14.90 -17.05 4.04
CA PHE A 7 15.58 -16.52 5.22
C PHE A 7 16.96 -15.98 4.89
N THR A 8 17.14 -15.56 3.65
CA THR A 8 18.40 -14.99 3.20
C THR A 8 18.20 -13.51 2.91
N PRO A 9 19.26 -12.71 2.99
CA PRO A 9 19.11 -11.27 2.83
C PRO A 9 18.78 -10.88 1.40
N LEU A 10 18.29 -9.65 1.28
CA LEU A 10 17.89 -9.04 0.02
C LEU A 10 18.10 -7.54 0.14
N LYS A 11 18.77 -6.95 -0.86
CA LYS A 11 18.88 -5.49 -0.92
C LYS A 11 17.62 -4.93 -1.55
N VAL A 12 16.94 -4.05 -0.83
CA VAL A 12 15.71 -3.42 -1.32
C VAL A 12 16.00 -1.92 -1.40
N GLY A 13 16.41 -1.44 -2.57
CA GLY A 13 16.91 -0.09 -2.70
C GLY A 13 17.99 0.20 -1.69
N ALA A 14 17.81 1.24 -0.88
CA ALA A 14 18.83 1.68 0.05
C ALA A 14 18.94 0.81 1.30
N VAL A 15 18.02 -0.12 1.50
CA VAL A 15 17.94 -0.93 2.72
C VAL A 15 18.27 -2.38 2.43
N THR A 16 18.84 -3.05 3.41
CA THR A 16 19.09 -4.49 3.30
C THR A 16 18.17 -5.24 4.27
N ALA A 17 17.28 -6.01 3.73
CA ALA A 17 16.42 -6.86 4.54
C ALA A 17 17.14 -8.15 4.89
N PRO A 18 17.04 -8.63 6.13
CA PRO A 18 17.74 -9.87 6.50
C PRO A 18 17.03 -11.13 6.07
N ASN A 19 15.81 -11.01 5.58
CA ASN A 19 15.02 -12.14 5.11
C ASN A 19 14.00 -11.59 4.11
N ARG A 20 13.29 -12.50 3.47
CA ARG A 20 12.37 -12.20 2.38
C ARG A 20 10.92 -12.25 2.82
N VAL A 21 10.66 -12.31 4.13
CA VAL A 21 9.32 -12.45 4.70
C VAL A 21 8.89 -11.05 5.13
N PHE A 22 8.07 -10.41 4.30
CA PHE A 22 7.68 -9.03 4.54
C PHE A 22 6.28 -8.96 5.11
N MET A 23 6.05 -7.91 5.89
CA MET A 23 4.71 -7.61 6.39
C MET A 23 3.98 -6.71 5.39
N ALA A 24 2.89 -7.21 4.85
CA ALA A 24 2.11 -6.45 3.88
C ALA A 24 1.44 -5.26 4.54
N PRO A 25 1.11 -4.23 3.77
CA PRO A 25 0.36 -3.10 4.34
C PRO A 25 -1.04 -3.53 4.77
N LEU A 26 -1.42 -3.16 6.00
CA LEU A 26 -2.67 -3.63 6.60
C LEU A 26 -3.34 -2.47 7.30
N THR A 27 -4.44 -2.00 6.70
CA THR A 27 -5.30 -1.02 7.32
C THR A 27 -5.98 -1.64 8.55
N ARG A 28 -5.80 -0.99 9.71
CA ARG A 28 -6.35 -1.46 10.97
C ARG A 28 -7.26 -0.47 11.66
N LEU A 29 -7.30 0.81 11.19
CA LEU A 29 -8.30 1.83 11.57
C LEU A 29 -8.38 2.05 13.08
N ARG A 30 -7.22 2.22 13.69
CA ARG A 30 -7.09 2.48 15.12
C ARG A 30 -6.45 3.84 15.43
N SER A 31 -6.44 4.76 14.47
CA SER A 31 -5.84 6.06 14.73
C SER A 31 -6.80 6.98 15.49
N ILE A 32 -6.21 8.03 16.07
CA ILE A 32 -7.00 9.01 16.84
C ILE A 32 -7.70 9.97 15.88
N GLU A 33 -8.98 10.24 16.17
CA GLU A 33 -9.71 11.36 15.59
C GLU A 33 -10.18 12.27 16.72
N PRO A 34 -10.16 13.60 16.54
CA PRO A 34 -9.72 14.33 15.34
C PRO A 34 -8.21 14.24 15.17
N GLY A 35 -7.77 14.36 13.92
CA GLY A 35 -6.36 14.52 13.61
C GLY A 35 -5.73 13.35 12.89
N ASP A 36 -6.41 12.20 12.82
CA ASP A 36 -5.90 10.99 12.13
C ASP A 36 -4.48 10.65 12.57
N ILE A 37 -4.30 10.59 13.89
CA ILE A 37 -2.98 10.59 14.51
CA ILE A 37 -2.99 10.59 14.51
C ILE A 37 -2.61 9.16 14.88
N PRO A 38 -1.45 8.66 14.47
CA PRO A 38 -1.01 7.36 14.95
C PRO A 38 -0.77 7.40 16.44
N THR A 39 -0.79 6.22 17.06
CA THR A 39 -0.76 6.08 18.51
C THR A 39 0.37 5.21 19.02
N PRO A 40 0.70 5.30 20.31
CA PRO A 40 1.67 4.37 20.88
C PRO A 40 1.24 2.92 20.80
N LEU A 41 -0.06 2.64 20.80
CA LEU A 41 -0.51 1.27 20.58
C LEU A 41 -0.06 0.76 19.22
N MET A 42 -0.26 1.57 18.18
CA MET A 42 0.23 1.26 16.85
C MET A 42 1.72 1.07 16.85
N GLY A 43 2.43 1.91 17.60
CA GLY A 43 3.87 1.73 17.73
C GLY A 43 4.26 0.38 18.30
N GLU A 44 3.52 -0.08 19.32
CA GLU A 44 3.78 -1.40 19.90
C GLU A 44 3.51 -2.52 18.91
N TYR A 45 2.41 -2.42 18.17
CA TYR A 45 2.08 -3.43 17.16
C TYR A 45 3.18 -3.56 16.12
N TYR A 46 3.70 -2.42 15.64
CA TYR A 46 4.78 -2.48 14.66
C TYR A 46 6.07 -3.00 15.28
N ARG A 47 6.37 -2.60 16.50
CA ARG A 47 7.58 -3.07 17.17
C ARG A 47 7.56 -4.59 17.35
N GLN A 48 6.39 -5.16 17.62
CA GLN A 48 6.25 -6.59 17.80
C GLN A 48 6.62 -7.36 16.55
N ARG A 49 6.55 -6.72 15.40
CA ARG A 49 6.69 -7.34 14.08
C ARG A 49 8.00 -6.94 13.42
N ALA A 50 8.91 -6.35 14.19
CA ALA A 50 10.15 -5.80 13.66
C ALA A 50 11.14 -6.83 13.12
N SER A 51 10.93 -8.13 13.39
CA SER A 51 11.79 -9.14 12.76
C SER A 51 11.46 -9.38 11.29
N ALA A 52 10.35 -8.85 10.79
CA ALA A 52 10.05 -8.90 9.37
C ALA A 52 11.23 -8.38 8.55
N GLY A 53 11.45 -8.98 7.40
CA GLY A 53 12.46 -8.46 6.49
C GLY A 53 12.23 -7.00 6.20
N LEU A 54 10.96 -6.63 6.02
CA LEU A 54 10.54 -5.25 5.86
C LEU A 54 9.10 -5.17 6.35
N ILE A 55 8.79 -4.17 7.19
CA ILE A 55 7.40 -3.85 7.50
C ILE A 55 6.95 -2.82 6.48
N ILE A 56 5.79 -3.03 5.88
CA ILE A 56 5.14 -1.98 5.09
C ILE A 56 3.92 -1.57 5.88
N SER A 57 3.82 -0.27 6.19
CA SER A 57 2.77 0.20 7.07
C SER A 57 1.39 0.13 6.42
N GLU A 58 0.39 0.24 7.31
CA GLU A 58 -0.96 0.52 6.85
C GLU A 58 -0.96 1.72 5.91
N ALA A 59 -1.93 1.72 4.99
CA ALA A 59 -2.07 2.86 4.10
C ALA A 59 -2.30 4.13 4.90
N THR A 60 -1.63 5.19 4.46
CA THR A 60 -1.54 6.45 5.22
C THR A 60 -1.81 7.61 4.28
N GLN A 61 -2.65 8.54 4.73
CA GLN A 61 -3.06 9.65 3.88
C GLN A 61 -1.91 10.60 3.57
N ILE A 62 -1.85 11.02 2.31
CA ILE A 62 -0.92 12.09 1.92
C ILE A 62 -1.43 13.49 2.24
N SER A 63 -2.71 13.63 2.55
CA SER A 63 -3.39 14.89 2.80
C SER A 63 -4.74 14.57 3.44
N ALA A 64 -5.40 15.62 3.95
CA ALA A 64 -6.74 15.42 4.48
C ALA A 64 -7.69 14.98 3.38
N GLN A 65 -7.58 15.55 2.18
CA GLN A 65 -8.44 15.15 1.09
C GLN A 65 -8.29 13.66 0.75
N ALA A 66 -7.10 13.10 0.96
CA ALA A 66 -6.87 11.69 0.69
C ALA A 66 -7.68 10.73 1.56
N LYS A 67 -8.21 11.20 2.69
CA LYS A 67 -8.85 10.28 3.63
C LYS A 67 -10.13 9.68 3.03
N GLY A 68 -10.28 8.37 3.22
CA GLY A 68 -11.50 7.67 2.88
C GLY A 68 -12.05 6.78 3.97
N TYR A 69 -11.29 6.57 5.05
CA TYR A 69 -11.66 5.64 6.12
C TYR A 69 -11.46 6.34 7.45
N ALA A 70 -12.48 6.30 8.32
CA ALA A 70 -12.28 6.78 9.68
C ALA A 70 -11.31 5.88 10.45
N GLY A 71 -10.28 6.47 11.04
CA GLY A 71 -9.31 5.69 11.77
C GLY A 71 -8.01 5.42 11.04
N ALA A 72 -7.94 5.69 9.73
CA ALA A 72 -6.70 5.55 9.02
C ALA A 72 -5.81 6.77 9.28
N PRO A 73 -4.52 6.57 9.46
CA PRO A 73 -3.61 7.68 9.80
C PRO A 73 -3.21 8.51 8.59
N GLY A 74 -2.75 9.73 8.88
CA GLY A 74 -2.17 10.60 7.89
C GLY A 74 -0.68 10.83 8.10
N LEU A 75 -0.05 11.42 7.08
CA LEU A 75 1.33 11.87 7.16
C LEU A 75 1.48 13.26 6.57
N HIS A 76 0.51 14.14 6.88
CA HIS A 76 0.51 15.49 6.35
C HIS A 76 0.61 16.57 7.42
N SER A 77 0.31 16.27 8.68
CA SER A 77 0.27 17.32 9.69
C SER A 77 1.46 17.21 10.63
N PRO A 78 1.79 18.28 11.33
CA PRO A 78 2.87 18.18 12.32
C PRO A 78 2.64 17.14 13.40
N GLU A 79 1.41 16.99 13.88
N GLU A 79 1.40 17.03 13.90
CA GLU A 79 1.14 16.01 14.92
CA GLU A 79 1.11 16.03 14.91
C GLU A 79 1.22 14.59 14.40
C GLU A 79 1.34 14.63 14.36
N GLN A 80 0.90 14.38 13.13
CA GLN A 80 1.08 13.04 12.54
C GLN A 80 2.55 12.72 12.40
N ILE A 81 3.33 13.69 11.92
CA ILE A 81 4.77 13.47 11.76
C ILE A 81 5.40 13.14 13.10
N ALA A 82 5.04 13.88 14.15
CA ALA A 82 5.65 13.63 15.45
C ALA A 82 5.30 12.24 15.97
N ALA A 83 4.06 11.81 15.74
CA ALA A 83 3.66 10.48 16.21
C ALA A 83 4.37 9.38 15.42
N TRP A 84 4.48 9.53 14.10
CA TRP A 84 5.16 8.50 13.34
C TRP A 84 6.64 8.44 13.66
N LYS A 85 7.24 9.58 14.02
CA LYS A 85 8.65 9.58 14.41
C LYS A 85 8.87 8.62 15.57
N LYS A 86 7.92 8.61 16.53
CA LYS A 86 8.08 7.71 17.68
C LYS A 86 7.96 6.26 17.23
N ILE A 87 7.02 5.99 16.30
CA ILE A 87 6.78 4.64 15.81
C ILE A 87 7.98 4.09 15.07
N THR A 88 8.53 4.87 14.14
CA THR A 88 9.70 4.39 13.39
C THR A 88 10.91 4.23 14.32
N ALA A 89 11.07 5.12 15.30
CA ALA A 89 12.18 4.98 16.25
C ALA A 89 12.07 3.68 17.03
N GLY A 90 10.83 3.28 17.36
CA GLY A 90 10.64 2.05 18.09
C GLY A 90 10.99 0.84 17.23
N VAL A 91 10.60 0.87 15.97
CA VAL A 91 10.96 -0.22 15.07
C VAL A 91 12.46 -0.30 14.90
N HIS A 92 13.13 0.84 14.72
CA HIS A 92 14.58 0.85 14.58
C HIS A 92 15.28 0.37 15.84
N ALA A 93 14.72 0.66 17.02
CA ALA A 93 15.33 0.17 18.25
C ALA A 93 15.29 -1.34 18.34
N GLU A 94 14.37 -2.01 17.64
CA GLU A 94 14.29 -3.45 17.53
C GLU A 94 15.00 -3.98 16.28
N ASP A 95 15.80 -3.13 15.65
CA ASP A 95 16.57 -3.55 14.48
CA ASP A 95 16.56 -3.42 14.43
C ASP A 95 15.67 -3.88 13.28
N GLY A 96 14.50 -3.27 13.17
CA GLY A 96 13.62 -3.48 12.05
C GLY A 96 13.80 -2.42 10.97
N ARG A 97 13.06 -2.63 9.88
CA ARG A 97 12.98 -1.65 8.79
C ARG A 97 11.51 -1.44 8.46
N ILE A 98 11.10 -0.19 8.17
CA ILE A 98 9.69 0.11 7.95
C ILE A 98 9.52 1.10 6.80
N ALA A 99 8.66 0.73 5.85
CA ALA A 99 8.20 1.60 4.78
C ALA A 99 6.80 2.10 5.12
N VAL A 100 6.49 3.31 4.68
CA VAL A 100 5.14 3.85 4.80
C VAL A 100 4.44 3.68 3.47
N GLN A 101 3.25 3.08 3.49
CA GLN A 101 2.43 3.06 2.29
C GLN A 101 1.61 4.33 2.26
N LEU A 102 1.71 5.08 1.17
CA LEU A 102 1.04 6.35 1.01
C LEU A 102 -0.09 6.23 -0.01
N TRP A 103 -1.30 6.63 0.39
CA TRP A 103 -2.43 6.61 -0.52
C TRP A 103 -3.17 7.94 -0.57
N HIS A 104 -3.96 8.02 -1.64
CA HIS A 104 -5.11 8.89 -1.73
C HIS A 104 -6.25 7.98 -2.10
N THR A 105 -7.34 8.03 -1.34
CA THR A 105 -8.41 7.05 -1.56
C THR A 105 -9.29 7.40 -2.75
N GLY A 106 -9.21 8.64 -3.24
CA GLY A 106 -10.08 9.05 -4.33
C GLY A 106 -11.54 8.79 -4.02
N ARG A 107 -12.22 8.13 -4.96
CA ARG A 107 -13.65 7.94 -4.80
C ARG A 107 -14.04 6.92 -3.76
N LEU A 108 -13.09 6.13 -3.25
CA LEU A 108 -13.41 5.15 -2.22
C LEU A 108 -13.38 5.83 -0.87
N SER A 109 -14.44 6.59 -0.62
CA SER A 109 -14.50 7.55 0.46
C SER A 109 -15.94 8.00 0.68
N HIS A 110 -16.11 8.89 1.66
CA HIS A 110 -17.42 9.39 2.00
C HIS A 110 -17.31 10.87 2.29
N SER A 111 -18.31 11.66 1.89
CA SER A 111 -18.23 13.10 2.06
C SER A 111 -18.09 13.52 3.52
N SER A 112 -18.61 12.72 4.46
CA SER A 112 -18.62 13.14 5.86
C SER A 112 -17.23 13.19 6.46
N ILE A 113 -16.24 12.58 5.80
CA ILE A 113 -14.86 12.61 6.31
C ILE A 113 -13.93 13.40 5.40
N GLN A 114 -14.45 14.07 4.41
CA GLN A 114 -13.70 14.94 3.53
C GLN A 114 -13.60 16.36 4.09
N PRO A 115 -12.59 17.13 3.69
CA PRO A 115 -12.57 18.58 4.04
C PRO A 115 -13.84 19.28 3.58
N GLY A 116 -14.45 20.02 4.50
CA GLY A 116 -15.67 20.73 4.21
C GLY A 116 -16.86 19.86 3.99
N GLY A 117 -16.72 18.55 4.18
CA GLY A 117 -17.85 17.66 3.96
C GLY A 117 -18.25 17.52 2.52
N GLN A 118 -17.33 17.76 1.60
CA GLN A 118 -17.63 17.73 0.18
C GLN A 118 -17.39 16.33 -0.42
N ALA A 119 -17.89 16.18 -1.62
CA ALA A 119 -17.72 14.93 -2.33
C ALA A 119 -16.23 14.63 -2.53
N PRO A 120 -15.80 13.38 -2.44
CA PRO A 120 -14.40 13.05 -2.71
C PRO A 120 -14.09 13.23 -4.19
N VAL A 121 -12.80 13.14 -4.53
CA VAL A 121 -12.37 13.41 -5.90
C VAL A 121 -11.93 12.12 -6.58
N SER A 122 -11.97 12.13 -7.90
CA SER A 122 -11.52 10.98 -8.67
C SER A 122 -11.18 11.41 -10.08
N ALA A 123 -10.79 10.41 -10.89
CA ALA A 123 -10.58 10.65 -12.31
C ALA A 123 -11.87 11.10 -12.98
N SER A 124 -12.98 10.47 -12.62
CA SER A 124 -14.27 10.74 -13.23
C SER A 124 -15.35 10.68 -12.17
N ALA A 125 -16.51 11.26 -12.47
CA ALA A 125 -17.64 11.32 -11.53
C ALA A 125 -18.44 10.01 -11.55
N LEU A 126 -17.80 8.94 -11.08
CA LEU A 126 -18.38 7.61 -11.05
C LEU A 126 -18.28 7.06 -9.64
N ASN A 127 -19.42 6.66 -9.07
CA ASN A 127 -19.42 6.06 -7.74
C ASN A 127 -18.66 4.72 -7.72
N ALA A 128 -17.93 4.50 -6.65
CA ALA A 128 -17.23 3.23 -6.47
C ALA A 128 -18.15 2.04 -6.30
N ASN A 129 -19.40 2.26 -5.94
CA ASN A 129 -20.38 1.19 -5.76
C ASN A 129 -19.90 0.16 -4.75
N THR A 130 -19.27 0.63 -3.69
CA THR A 130 -18.91 -0.26 -2.60
C THR A 130 -19.06 0.51 -1.29
N ARG A 131 -18.38 0.04 -0.26
CA ARG A 131 -18.45 0.65 1.06
C ARG A 131 -17.07 0.97 1.59
N THR A 132 -17.02 2.02 2.41
CA THR A 132 -15.84 2.37 3.18
C THR A 132 -16.21 2.18 4.65
N SER A 133 -15.24 2.41 5.54
CA SER A 133 -15.42 2.26 6.97
C SER A 133 -15.37 3.64 7.61
N LEU A 134 -16.48 4.03 8.25
CA LEU A 134 -16.59 5.22 9.09
C LEU A 134 -16.58 4.77 10.55
N ARG A 135 -16.75 5.72 11.46
CA ARG A 135 -16.96 5.40 12.86
C ARG A 135 -18.30 5.92 13.32
N ASP A 136 -18.94 5.17 14.20
CA ASP A 136 -20.23 5.56 14.77
C ASP A 136 -19.98 6.47 15.96
N GLU A 137 -21.08 6.85 16.67
CA GLU A 137 -20.93 7.81 17.75
C GLU A 137 -20.17 7.24 18.94
N ASN A 138 -20.00 5.92 18.99
CA ASN A 138 -19.22 5.26 20.04
C ASN A 138 -17.80 4.97 19.60
N GLY A 139 -17.43 5.40 18.39
CA GLY A 139 -16.09 5.18 17.87
C GLY A 139 -15.82 3.82 17.29
N ASN A 140 -16.87 3.05 17.01
CA ASN A 140 -16.70 1.72 16.42
C ASN A 140 -16.87 1.75 14.91
N ALA A 141 -16.15 0.86 14.25
CA ALA A 141 -16.11 0.86 12.79
C ALA A 141 -17.45 0.42 12.23
N ILE A 142 -17.90 1.07 11.16
CA ILE A 142 -19.16 0.72 10.48
C ILE A 142 -18.95 0.91 8.98
N ARG A 143 -19.57 0.05 8.18
N ARG A 143 -19.49 -0.02 8.19
CA ARG A 143 -19.37 0.10 6.72
CA ARG A 143 -19.44 0.07 6.73
C ARG A 143 -20.51 0.88 6.08
C ARG A 143 -20.51 1.02 6.24
N VAL A 144 -20.14 1.95 5.34
CA VAL A 144 -21.07 2.88 4.73
C VAL A 144 -20.84 3.01 3.24
N ASP A 145 -21.92 3.14 2.48
CA ASP A 145 -21.81 3.28 1.03
C ASP A 145 -21.00 4.51 0.64
N THR A 146 -20.16 4.36 -0.39
CA THR A 146 -19.34 5.44 -0.88
C THR A 146 -20.16 6.57 -1.54
N THR A 147 -19.63 7.79 -1.40
CA THR A 147 -20.22 8.98 -2.00
C THR A 147 -19.74 9.14 -3.43
N THR A 148 -20.62 9.54 -4.33
CA THR A 148 -20.22 9.80 -5.71
C THR A 148 -19.19 10.93 -5.77
N PRO A 149 -18.08 10.72 -6.47
CA PRO A 149 -17.01 11.71 -6.49
C PRO A 149 -17.24 12.79 -7.54
N ARG A 150 -16.47 13.86 -7.39
CA ARG A 150 -16.29 14.89 -8.40
C ARG A 150 -15.04 14.58 -9.20
N ALA A 151 -15.11 14.79 -10.52
CA ALA A 151 -13.93 14.61 -11.35
C ALA A 151 -12.95 15.75 -11.14
N LEU A 152 -11.69 15.41 -10.93
CA LEU A 152 -10.65 16.42 -10.79
C LEU A 152 -10.55 17.26 -12.06
N GLU A 153 -10.44 18.57 -11.87
CA GLU A 153 -10.10 19.42 -12.99
C GLU A 153 -8.62 19.27 -13.31
N LEU A 154 -8.27 19.53 -14.57
CA LEU A 154 -6.89 19.47 -15.02
C LEU A 154 -5.97 20.29 -14.13
N ASP A 155 -6.41 21.49 -13.74
CA ASP A 155 -5.56 22.38 -12.95
C ASP A 155 -5.40 21.92 -11.51
N GLU A 156 -6.12 20.88 -11.10
CA GLU A 156 -5.97 20.32 -9.77
C GLU A 156 -4.95 19.20 -9.72
N ILE A 157 -4.58 18.63 -10.86
CA ILE A 157 -3.69 17.47 -10.89
C ILE A 157 -2.31 17.79 -10.34
N PRO A 158 -1.71 18.95 -10.62
CA PRO A 158 -0.41 19.24 -10.01
C PRO A 158 -0.45 19.27 -8.49
N GLY A 159 -1.58 19.66 -7.90
CA GLY A 159 -1.67 19.65 -6.46
C GLY A 159 -1.66 18.26 -5.89
N ILE A 160 -2.31 17.31 -6.58
CA ILE A 160 -2.23 15.92 -6.17
C ILE A 160 -0.78 15.44 -6.19
N VAL A 161 -0.06 15.72 -7.27
CA VAL A 161 1.34 15.30 -7.36
C VAL A 161 2.14 15.92 -6.24
N ASN A 162 1.92 17.20 -5.96
CA ASN A 162 2.64 17.87 -4.89
C ASN A 162 2.31 17.28 -3.53
N ASP A 163 1.05 16.85 -3.33
CA ASP A 163 0.70 16.21 -2.07
C ASP A 163 1.47 14.91 -1.87
N PHE A 164 1.62 14.10 -2.91
CA PHE A 164 2.48 12.92 -2.78
C PHE A 164 3.91 13.34 -2.47
N ARG A 165 4.44 14.32 -3.21
CA ARG A 165 5.82 14.79 -2.98
C ARG A 165 6.03 15.23 -1.53
N GLN A 166 5.12 16.08 -1.02
CA GLN A 166 5.22 16.58 0.34
C GLN A 166 5.12 15.45 1.33
N ALA A 167 4.24 14.48 1.06
CA ALA A 167 4.10 13.36 1.99
C ALA A 167 5.38 12.54 2.05
N VAL A 168 6.10 12.45 0.94
CA VAL A 168 7.38 11.76 0.92
C VAL A 168 8.45 12.53 1.68
N ALA A 169 8.51 13.86 1.54
CA ALA A 169 9.37 14.65 2.39
C ALA A 169 9.06 14.36 3.86
N ASN A 170 7.76 14.31 4.20
CA ASN A 170 7.35 14.07 5.57
C ASN A 170 7.75 12.68 6.02
N ALA A 171 7.63 11.70 5.13
CA ALA A 171 7.97 10.32 5.47
C ALA A 171 9.45 10.18 5.76
N ARG A 172 10.28 10.81 4.95
CA ARG A 172 11.72 10.81 5.19
C ARG A 172 12.03 11.43 6.54
N GLU A 173 11.42 12.58 6.83
CA GLU A 173 11.60 13.23 8.11
C GLU A 173 11.13 12.34 9.24
N ALA A 174 10.02 11.63 9.04
CA ALA A 174 9.45 10.78 10.09
C ALA A 174 10.25 9.54 10.36
N GLY A 175 11.28 9.27 9.57
CA GLY A 175 12.18 8.17 9.85
C GLY A 175 11.87 6.87 9.14
N PHE A 176 10.95 6.88 8.17
CA PHE A 176 10.72 5.67 7.38
C PHE A 176 11.94 5.36 6.55
N ASP A 177 12.15 4.07 6.30
CA ASP A 177 13.27 3.63 5.47
C ASP A 177 12.94 3.69 3.98
N LEU A 178 11.67 3.52 3.63
CA LEU A 178 11.21 3.52 2.25
C LEU A 178 9.79 4.06 2.22
N VAL A 179 9.31 4.39 1.03
CA VAL A 179 7.92 4.74 0.79
C VAL A 179 7.36 3.72 -0.23
N GLU A 180 6.11 3.32 -0.04
CA GLU A 180 5.38 2.54 -1.02
C GLU A 180 4.18 3.35 -1.51
N LEU A 181 4.14 3.65 -2.79
CA LEU A 181 2.99 4.36 -3.36
C LEU A 181 1.85 3.37 -3.57
N HIS A 182 0.67 3.72 -3.08
CA HIS A 182 -0.48 2.82 -3.19
C HIS A 182 -1.18 3.04 -4.53
N SER A 183 -0.76 2.26 -5.52
CA SER A 183 -1.31 2.36 -6.87
C SER A 183 -2.20 1.17 -7.19
N ALA A 184 -2.81 0.60 -6.17
CA ALA A 184 -3.58 -0.63 -6.27
C ALA A 184 -4.98 -0.47 -5.68
N HIS A 185 -5.75 -1.53 -5.79
CA HIS A 185 -6.95 -1.79 -4.99
C HIS A 185 -8.05 -0.76 -5.17
N GLY A 186 -8.09 -0.10 -6.31
CA GLY A 186 -9.18 0.84 -6.58
C GLY A 186 -9.07 2.21 -5.96
N TYR A 187 -7.92 2.59 -5.41
CA TYR A 187 -7.72 3.92 -4.84
C TYR A 187 -7.33 4.88 -5.94
N LEU A 188 -6.93 6.11 -5.58
CA LEU A 188 -6.95 7.16 -6.58
C LEU A 188 -6.05 6.84 -7.77
N LEU A 189 -4.83 6.40 -7.52
CA LEU A 189 -3.91 6.16 -8.63
C LEU A 189 -4.44 5.05 -9.53
N HIS A 190 -4.96 3.98 -8.95
CA HIS A 190 -5.60 2.92 -9.73
C HIS A 190 -6.85 3.41 -10.46
N GLN A 191 -7.60 4.35 -9.87
CA GLN A 191 -8.77 4.91 -10.55
C GLN A 191 -8.38 5.60 -11.83
N PHE A 192 -7.21 6.23 -11.88
CA PHE A 192 -6.71 6.77 -13.15
C PHE A 192 -6.22 5.68 -14.09
N LEU A 193 -5.52 4.67 -13.56
CA LEU A 193 -4.98 3.61 -14.42
C LEU A 193 -6.07 2.83 -15.16
N SER A 194 -7.21 2.59 -14.49
CA SER A 194 -8.23 1.70 -15.02
C SER A 194 -9.17 2.39 -15.98
N PRO A 195 -9.42 1.81 -17.16
CA PRO A 195 -10.41 2.38 -18.08
C PRO A 195 -11.83 2.31 -17.54
N SER A 196 -12.07 1.46 -16.55
N SER A 196 -12.08 1.50 -16.52
CA SER A 196 -13.40 1.36 -15.97
CA SER A 196 -13.44 1.38 -16.01
C SER A 196 -13.74 2.63 -15.20
C SER A 196 -13.81 2.47 -15.01
N SER A 197 -12.83 3.05 -14.33
CA SER A 197 -13.04 4.23 -13.51
C SER A 197 -12.59 5.54 -14.11
N ASN A 198 -11.85 5.50 -15.17
CA ASN A 198 -11.30 6.68 -15.82
C ASN A 198 -11.96 6.81 -17.19
N GLN A 199 -12.90 7.74 -17.30
CA GLN A 199 -13.55 8.09 -18.57
C GLN A 199 -13.14 9.46 -19.05
N ARG A 200 -12.00 9.97 -18.56
CA ARG A 200 -11.57 11.30 -18.96
C ARG A 200 -11.20 11.32 -20.44
N THR A 201 -11.26 12.52 -21.01
CA THR A 201 -10.92 12.71 -22.41
C THR A 201 -9.82 13.75 -22.59
N ASP A 202 -9.08 14.06 -21.53
CA ASP A 202 -7.90 14.92 -21.57
C ASP A 202 -6.65 14.04 -21.55
N GLN A 203 -5.49 14.65 -21.29
CA GLN A 203 -4.25 13.90 -21.33
C GLN A 203 -4.09 12.95 -20.14
N TYR A 204 -5.07 12.88 -19.23
CA TYR A 204 -5.05 11.90 -18.15
C TYR A 204 -6.03 10.76 -18.35
N GLY A 205 -6.62 10.61 -19.53
CA GLY A 205 -7.47 9.47 -19.80
C GLY A 205 -7.39 9.03 -21.25
N GLY A 206 -8.00 7.88 -21.54
CA GLY A 206 -7.96 7.34 -22.89
C GLY A 206 -6.90 6.27 -23.07
N SER A 207 -5.79 6.66 -23.68
CA SER A 207 -4.69 5.74 -23.93
C SER A 207 -4.07 5.28 -22.62
N VAL A 208 -3.36 4.14 -22.67
CA VAL A 208 -2.67 3.68 -21.49
C VAL A 208 -1.61 4.68 -21.05
N GLU A 209 -0.96 5.32 -22.02
N GLU A 209 -0.94 5.32 -22.03
CA GLU A 209 0.01 6.36 -21.69
CA GLU A 209 0.01 6.37 -21.70
C GLU A 209 -0.62 7.47 -20.88
C GLU A 209 -0.64 7.45 -20.85
N ASN A 210 -1.83 7.90 -21.27
CA ASN A 210 -2.51 8.96 -20.52
C ASN A 210 -3.02 8.45 -19.19
N ARG A 211 -3.50 7.20 -19.14
CA ARG A 211 -4.01 6.65 -17.88
C ARG A 211 -2.91 6.48 -16.85
N ALA A 212 -1.69 6.17 -17.30
CA ALA A 212 -0.55 6.02 -16.42
C ALA A 212 0.16 7.32 -16.12
N ARG A 213 -0.26 8.42 -16.76
CA ARG A 213 0.47 9.68 -16.64
C ARG A 213 0.56 10.15 -15.19
N LEU A 214 -0.57 10.12 -14.47
CA LEU A 214 -0.54 10.59 -13.09
C LEU A 214 0.41 9.77 -12.22
N VAL A 215 0.31 8.44 -12.28
N VAL A 215 0.30 8.44 -12.27
CA VAL A 215 1.17 7.66 -11.40
CA VAL A 215 1.18 7.61 -11.46
C VAL A 215 2.63 7.86 -11.74
C VAL A 215 2.62 7.95 -11.76
N LEU A 216 2.96 8.02 -13.05
CA LEU A 216 4.36 8.25 -13.42
C LEU A 216 4.83 9.65 -13.04
N GLU A 217 3.95 10.67 -13.10
CA GLU A 217 4.30 11.99 -12.57
C GLU A 217 4.56 11.92 -11.06
N VAL A 218 3.74 11.14 -10.34
CA VAL A 218 3.95 10.95 -8.91
C VAL A 218 5.29 10.27 -8.66
N VAL A 219 5.55 9.18 -9.37
CA VAL A 219 6.83 8.49 -9.23
C VAL A 219 7.99 9.45 -9.45
N ASP A 220 7.95 10.22 -10.54
CA ASP A 220 9.03 11.15 -10.82
C ASP A 220 9.18 12.18 -9.71
N ALA A 221 8.07 12.69 -9.21
CA ALA A 221 8.13 13.72 -8.19
C ALA A 221 8.74 13.19 -6.90
N VAL A 222 8.36 11.96 -6.50
CA VAL A 222 8.86 11.43 -5.24
C VAL A 222 10.33 10.94 -5.37
N CYS A 223 10.72 10.45 -6.54
CA CYS A 223 12.13 10.12 -6.74
C CYS A 223 12.99 11.36 -6.64
N ASN A 224 12.51 12.47 -7.20
CA ASN A 224 13.24 13.72 -7.12
CA ASN A 224 13.24 13.73 -7.12
C ASN A 224 13.28 14.28 -5.69
N GLU A 225 12.19 14.13 -4.94
CA GLU A 225 12.17 14.63 -3.57
C GLU A 225 13.13 13.85 -2.69
N TRP A 226 13.15 12.52 -2.83
CA TRP A 226 14.08 11.73 -2.01
C TRP A 226 15.11 11.10 -2.93
N SER A 227 14.96 9.81 -3.24
CA SER A 227 15.87 9.10 -4.16
CA SER A 227 15.83 9.15 -4.22
C SER A 227 15.08 7.93 -4.72
N ALA A 228 15.41 7.50 -5.94
CA ALA A 228 14.67 6.38 -6.52
C ALA A 228 14.79 5.11 -5.69
N ASP A 229 15.95 4.92 -5.05
CA ASP A 229 16.20 3.73 -4.25
C ASP A 229 15.48 3.76 -2.90
N ARG A 230 14.61 4.73 -2.67
CA ARG A 230 13.75 4.77 -1.51
C ARG A 230 12.28 4.58 -1.86
N ILE A 231 11.96 4.41 -3.12
CA ILE A 231 10.58 4.40 -3.61
C ILE A 231 10.20 3.00 -4.09
N GLY A 232 9.09 2.50 -3.56
CA GLY A 232 8.43 1.33 -4.10
C GLY A 232 7.01 1.69 -4.54
N ILE A 233 6.38 0.78 -5.25
CA ILE A 233 5.01 1.00 -5.72
C ILE A 233 4.25 -0.31 -5.62
N ARG A 234 3.02 -0.23 -5.13
CA ARG A 234 2.13 -1.38 -5.11
C ARG A 234 1.11 -1.26 -6.22
N VAL A 235 0.99 -2.31 -7.03
CA VAL A 235 0.02 -2.38 -8.10
C VAL A 235 -0.80 -3.64 -7.94
N SER A 236 -2.01 -3.61 -8.48
CA SER A 236 -2.89 -4.78 -8.53
C SER A 236 -3.46 -4.81 -9.95
N PRO A 237 -2.62 -5.12 -10.93
CA PRO A 237 -2.93 -4.80 -12.33
C PRO A 237 -3.63 -5.88 -13.13
N ILE A 238 -3.85 -7.04 -12.52
CA ILE A 238 -4.54 -8.16 -13.15
C ILE A 238 -5.72 -8.54 -12.28
N GLY A 239 -6.90 -8.45 -12.85
CA GLY A 239 -8.12 -8.81 -12.11
C GLY A 239 -8.92 -7.58 -11.71
N THR A 240 -9.84 -7.80 -10.77
CA THR A 240 -10.73 -6.76 -10.26
C THR A 240 -10.52 -6.63 -8.76
N PHE A 241 -10.41 -5.38 -8.29
CA PHE A 241 -10.14 -5.11 -6.88
C PHE A 241 -11.10 -4.01 -6.47
N GLN A 242 -11.94 -4.30 -5.47
CA GLN A 242 -12.89 -3.30 -4.98
C GLN A 242 -13.67 -2.65 -6.10
N ASN A 243 -14.15 -3.49 -7.03
CA ASN A 243 -14.97 -3.08 -8.17
C ASN A 243 -14.22 -2.34 -9.28
N VAL A 244 -12.90 -2.21 -9.18
CA VAL A 244 -12.13 -1.56 -10.22
C VAL A 244 -11.40 -2.67 -10.98
N ASP A 245 -11.77 -2.88 -12.24
CA ASP A 245 -11.08 -3.85 -13.08
C ASP A 245 -9.91 -3.15 -13.75
N ASN A 246 -9.14 -3.89 -14.55
CA ASN A 246 -7.96 -3.34 -15.21
C ASN A 246 -8.15 -3.19 -16.71
N GLY A 247 -9.40 -3.19 -17.14
CA GLY A 247 -9.72 -3.02 -18.54
C GLY A 247 -9.55 -4.29 -19.34
N PRO A 248 -9.79 -4.17 -20.64
CA PRO A 248 -9.79 -5.35 -21.51
C PRO A 248 -8.43 -5.72 -22.05
N ASN A 249 -7.40 -4.93 -21.75
CA ASN A 249 -6.04 -5.19 -22.20
C ASN A 249 -5.10 -5.15 -21.01
N GLU A 250 -5.50 -5.83 -19.92
CA GLU A 250 -4.85 -5.62 -18.63
C GLU A 250 -3.38 -6.08 -18.64
N GLU A 251 -3.06 -7.20 -19.31
CA GLU A 251 -1.68 -7.64 -19.32
C GLU A 251 -0.80 -6.67 -20.09
N ALA A 252 -1.20 -6.31 -21.32
CA ALA A 252 -0.40 -5.34 -22.08
C ALA A 252 -0.25 -4.02 -21.34
N ASP A 253 -1.32 -3.55 -20.71
CA ASP A 253 -1.24 -2.26 -20.02
C ASP A 253 -0.35 -2.36 -18.80
N ALA A 254 -0.36 -3.51 -18.12
CA ALA A 254 0.51 -3.70 -16.97
C ALA A 254 1.97 -3.66 -17.38
N LEU A 255 2.29 -4.36 -18.48
CA LEU A 255 3.67 -4.39 -18.94
C LEU A 255 4.15 -3.03 -19.37
N TYR A 256 3.27 -2.20 -19.96
CA TYR A 256 3.68 -0.84 -20.29
C TYR A 256 4.06 -0.07 -19.04
N LEU A 257 3.21 -0.14 -18.00
CA LEU A 257 3.49 0.60 -16.78
C LEU A 257 4.78 0.10 -16.15
N ILE A 258 4.96 -1.22 -16.10
CA ILE A 258 6.17 -1.79 -15.49
C ILE A 258 7.42 -1.36 -16.24
N GLU A 259 7.38 -1.34 -17.58
CA GLU A 259 8.54 -0.88 -18.35
C GLU A 259 8.85 0.59 -18.05
N GLU A 260 7.81 1.41 -17.87
CA GLU A 260 8.06 2.80 -17.54
C GLU A 260 8.64 2.93 -16.13
N LEU A 261 8.09 2.19 -15.18
CA LEU A 261 8.61 2.27 -13.82
C LEU A 261 10.07 1.84 -13.78
N ALA A 262 10.42 0.81 -14.55
CA ALA A 262 11.80 0.36 -14.56
C ALA A 262 12.76 1.47 -14.97
N LYS A 263 12.34 2.35 -15.87
CA LYS A 263 13.20 3.42 -16.31
C LYS A 263 13.62 4.35 -15.16
N ARG A 264 12.82 4.41 -14.11
CA ARG A 264 13.13 5.28 -12.98
C ARG A 264 14.07 4.65 -11.97
N GLY A 265 14.36 3.36 -12.10
CA GLY A 265 15.27 2.71 -11.18
C GLY A 265 14.78 2.67 -9.74
N ILE A 266 13.45 2.50 -9.56
CA ILE A 266 12.89 2.46 -8.23
C ILE A 266 13.27 1.18 -7.51
N ALA A 267 13.10 1.22 -6.20
CA ALA A 267 13.57 0.13 -5.36
C ALA A 267 12.78 -1.14 -5.56
N TYR A 268 11.46 -1.05 -5.73
CA TYR A 268 10.69 -2.28 -5.82
C TYR A 268 9.33 -2.10 -6.45
N LEU A 269 8.84 -3.22 -7.00
CA LEU A 269 7.49 -3.43 -7.54
C LEU A 269 6.80 -4.46 -6.64
N HIS A 270 5.68 -4.09 -6.05
CA HIS A 270 4.92 -4.97 -5.17
C HIS A 270 3.60 -5.26 -5.86
N MET A 271 3.38 -6.54 -6.21
CA MET A 271 2.21 -6.97 -6.96
C MET A 271 1.24 -7.67 -6.03
N SER A 272 0.08 -7.06 -5.84
CA SER A 272 -1.06 -7.66 -5.14
C SER A 272 -1.83 -8.47 -6.17
N GLU A 273 -1.76 -9.77 -6.04
CA GLU A 273 -2.14 -10.67 -7.12
C GLU A 273 -3.62 -11.01 -7.10
N THR A 274 -4.25 -10.90 -5.92
CA THR A 274 -5.65 -11.26 -5.80
C THR A 274 -6.22 -10.59 -4.56
N ASP A 275 -7.54 -10.43 -4.55
CA ASP A 275 -8.21 -10.02 -3.31
C ASP A 275 -8.58 -11.25 -2.49
N LEU A 276 -9.28 -11.04 -1.38
CA LEU A 276 -9.45 -12.15 -0.44
C LEU A 276 -10.37 -13.22 -1.02
N ALA A 277 -11.19 -12.89 -2.00
CA ALA A 277 -12.09 -13.88 -2.58
C ALA A 277 -11.43 -14.72 -3.66
N GLY A 278 -10.23 -14.39 -4.04
CA GLY A 278 -9.45 -15.18 -4.95
C GLY A 278 -9.74 -14.88 -6.40
N GLY A 279 -9.06 -15.63 -7.26
CA GLY A 279 -9.22 -15.47 -8.68
C GLY A 279 -8.12 -16.25 -9.37
N LYS A 280 -8.02 -16.08 -10.67
CA LYS A 280 -7.12 -16.95 -11.43
C LYS A 280 -5.67 -16.58 -11.11
N PRO A 281 -4.81 -17.56 -10.98
CA PRO A 281 -3.40 -17.26 -10.68
C PRO A 281 -2.69 -16.58 -11.84
N TYR A 282 -1.66 -15.80 -11.51
CA TYR A 282 -0.80 -15.27 -12.55
C TYR A 282 -0.17 -16.41 -13.33
N SER A 283 -0.08 -16.27 -14.65
CA SER A 283 0.60 -17.30 -15.44
C SER A 283 2.11 -17.15 -15.31
N GLU A 284 2.82 -18.27 -15.48
CA GLU A 284 4.27 -18.21 -15.45
C GLU A 284 4.79 -17.29 -16.55
N ALA A 285 4.16 -17.33 -17.72
CA ALA A 285 4.56 -16.46 -18.82
C ALA A 285 4.45 -15.00 -18.43
N PHE A 286 3.35 -14.61 -17.77
CA PHE A 286 3.24 -13.22 -17.34
C PHE A 286 4.31 -12.87 -16.31
N ARG A 287 4.56 -13.75 -15.34
CA ARG A 287 5.62 -13.48 -14.38
C ARG A 287 6.96 -13.28 -15.07
N GLN A 288 7.24 -14.09 -16.10
N GLN A 288 7.26 -14.08 -16.10
CA GLN A 288 8.48 -13.96 -16.85
CA GLN A 288 8.53 -13.90 -16.78
C GLN A 288 8.55 -12.61 -17.56
C GLN A 288 8.57 -12.62 -17.60
N LYS A 289 7.44 -12.17 -18.17
CA LYS A 289 7.40 -10.88 -18.85
C LYS A 289 7.65 -9.73 -17.88
N VAL A 290 7.12 -9.83 -16.66
CA VAL A 290 7.35 -8.79 -15.67
C VAL A 290 8.82 -8.79 -15.28
N ARG A 291 9.37 -9.98 -15.03
CA ARG A 291 10.74 -10.08 -14.55
C ARG A 291 11.75 -9.52 -15.55
N GLU A 292 11.52 -9.76 -16.84
CA GLU A 292 12.50 -9.28 -17.82
C GLU A 292 12.42 -7.79 -18.01
N ARG A 293 11.33 -7.15 -17.59
CA ARG A 293 11.17 -5.72 -17.76
C ARG A 293 11.55 -4.90 -16.56
N PHE A 294 11.61 -5.48 -15.38
CA PHE A 294 11.81 -4.74 -14.16
C PHE A 294 13.09 -5.23 -13.49
N HIS A 295 13.97 -4.29 -13.12
CA HIS A 295 15.28 -4.65 -12.64
CA HIS A 295 15.33 -4.54 -12.68
C HIS A 295 15.50 -4.30 -11.18
N GLY A 296 14.42 -4.12 -10.44
CA GLY A 296 14.47 -4.05 -9.00
C GLY A 296 13.82 -5.25 -8.35
N VAL A 297 13.57 -5.11 -7.06
CA VAL A 297 12.95 -6.16 -6.28
C VAL A 297 11.49 -6.31 -6.67
N ILE A 298 11.05 -7.55 -6.82
CA ILE A 298 9.64 -7.86 -7.03
C ILE A 298 9.12 -8.57 -5.79
N ILE A 299 8.04 -8.02 -5.21
CA ILE A 299 7.39 -8.59 -4.03
C ILE A 299 6.05 -9.14 -4.48
N GLY A 300 5.77 -10.39 -4.17
CA GLY A 300 4.48 -10.99 -4.47
C GLY A 300 3.62 -11.08 -3.23
N ALA A 301 2.30 -10.89 -3.40
CA ALA A 301 1.39 -10.96 -2.28
C ALA A 301 0.03 -11.47 -2.75
N GLY A 302 -0.72 -12.08 -1.82
CA GLY A 302 -2.07 -12.51 -2.07
C GLY A 302 -2.23 -13.99 -1.85
N ALA A 303 -2.64 -14.35 -0.64
CA ALA A 303 -2.84 -15.75 -0.27
C ALA A 303 -1.61 -16.60 -0.51
N TYR A 304 -0.42 -16.05 -0.30
CA TYR A 304 0.78 -16.87 -0.46
C TYR A 304 0.94 -17.82 0.71
N THR A 305 1.64 -18.91 0.44
CA THR A 305 2.19 -19.78 1.45
C THR A 305 3.71 -19.62 1.40
N ALA A 306 4.37 -20.04 2.48
CA ALA A 306 5.83 -20.11 2.45
C ALA A 306 6.32 -21.00 1.31
N GLU A 307 5.61 -22.10 1.04
CA GLU A 307 6.03 -22.99 -0.04
C GLU A 307 5.93 -22.30 -1.39
N LYS A 308 4.82 -21.58 -1.64
CA LYS A 308 4.69 -20.90 -2.93
C LYS A 308 5.78 -19.85 -3.07
N ALA A 309 6.05 -19.12 -1.99
CA ALA A 309 7.11 -18.09 -2.04
C ALA A 309 8.45 -18.71 -2.38
N GLU A 310 8.82 -19.78 -1.69
CA GLU A 310 10.08 -20.46 -1.98
C GLU A 310 10.13 -20.93 -3.43
N ASP A 311 9.02 -21.46 -3.95
CA ASP A 311 9.00 -21.94 -5.32
C ASP A 311 9.30 -20.80 -6.29
N LEU A 312 8.62 -19.66 -6.12
CA LEU A 312 8.78 -18.58 -7.09
C LEU A 312 10.09 -17.83 -6.89
N ILE A 313 10.60 -17.76 -5.67
CA ILE A 313 11.94 -17.21 -5.46
C ILE A 313 12.98 -18.11 -6.10
N GLY A 314 12.84 -19.42 -5.93
CA GLY A 314 13.80 -20.34 -6.48
C GLY A 314 13.79 -20.35 -7.99
N LYS A 315 12.64 -20.06 -8.60
CA LYS A 315 12.51 -19.96 -10.04
C LYS A 315 12.96 -18.61 -10.58
N GLY A 316 13.35 -17.70 -9.71
CA GLY A 316 13.89 -16.41 -10.13
C GLY A 316 12.86 -15.44 -10.59
N LEU A 317 11.59 -15.64 -10.22
CA LEU A 317 10.50 -14.81 -10.70
C LEU A 317 10.13 -13.69 -9.76
N ILE A 318 10.26 -13.89 -8.44
CA ILE A 318 10.06 -12.84 -7.44
C ILE A 318 11.23 -12.90 -6.47
N ASP A 319 11.34 -11.87 -5.63
CA ASP A 319 12.43 -11.80 -4.65
C ASP A 319 11.96 -11.91 -3.22
N ALA A 320 10.72 -11.55 -2.94
CA ALA A 320 10.21 -11.55 -1.57
C ALA A 320 8.71 -11.72 -1.64
N VAL A 321 8.13 -12.03 -0.48
CA VAL A 321 6.70 -12.24 -0.33
C VAL A 321 6.22 -11.37 0.82
N ALA A 322 5.10 -10.72 0.62
CA ALA A 322 4.43 -10.02 1.69
C ALA A 322 3.21 -10.81 2.16
N PHE A 323 3.16 -11.07 3.46
CA PHE A 323 2.05 -11.75 4.11
C PHE A 323 1.20 -10.71 4.85
N GLY A 324 -0.10 -10.80 4.66
CA GLY A 324 -1.01 -9.90 5.35
C GLY A 324 -1.60 -10.52 6.60
N ARG A 325 -2.61 -11.38 6.42
CA ARG A 325 -3.31 -11.92 7.58
C ARG A 325 -2.42 -12.72 8.49
N ASP A 326 -1.43 -13.45 7.92
CA ASP A 326 -0.53 -14.19 8.80
C ASP A 326 0.29 -13.24 9.67
N TYR A 327 0.58 -12.01 9.19
CA TYR A 327 1.29 -11.04 10.02
C TYR A 327 0.38 -10.35 11.04
N ILE A 328 -0.90 -10.19 10.73
CA ILE A 328 -1.83 -9.75 11.77
C ILE A 328 -1.71 -10.67 12.98
N ALA A 329 -1.70 -11.98 12.76
CA ALA A 329 -1.87 -12.93 13.85
C ALA A 329 -0.55 -13.47 14.40
N ASN A 330 0.58 -13.22 13.73
CA ASN A 330 1.86 -13.82 14.13
C ASN A 330 2.92 -12.74 14.12
N PRO A 331 3.19 -12.11 15.26
CA PRO A 331 4.23 -11.07 15.28
C PRO A 331 5.60 -11.60 14.89
N ASP A 332 5.88 -12.85 15.26
CA ASP A 332 7.12 -13.55 14.95
C ASP A 332 6.93 -14.52 13.80
N LEU A 333 6.22 -14.10 12.76
CA LEU A 333 6.00 -14.97 11.61
C LEU A 333 7.33 -15.51 11.07
N VAL A 334 8.37 -14.68 10.99
CA VAL A 334 9.64 -15.18 10.47
C VAL A 334 10.10 -16.41 11.22
N ALA A 335 10.16 -16.32 12.55
CA ALA A 335 10.61 -17.44 13.35
C ALA A 335 9.70 -18.64 13.18
N ARG A 336 8.39 -18.40 13.09
CA ARG A 336 7.48 -19.53 12.91
C ARG A 336 7.69 -20.24 11.59
N LEU A 337 7.88 -19.47 10.52
CA LEU A 337 8.11 -20.07 9.21
C LEU A 337 9.44 -20.80 9.18
N GLN A 338 10.47 -20.24 9.85
CA GLN A 338 11.80 -20.84 9.85
C GLN A 338 11.79 -22.15 10.61
N LYS A 339 11.00 -22.23 11.68
CA LYS A 339 10.94 -23.41 12.53
C LYS A 339 9.83 -24.37 12.14
N LYS A 340 9.01 -24.02 11.16
CA LYS A 340 7.87 -24.86 10.76
C LYS A 340 6.88 -25.03 11.90
N ALA A 341 6.69 -23.97 12.66
CA ALA A 341 5.80 -23.98 13.82
C ALA A 341 4.39 -23.66 13.37
N GLU A 342 3.42 -24.03 14.20
CA GLU A 342 2.05 -23.65 13.87
C GLU A 342 1.90 -22.14 13.97
N LEU A 343 0.87 -21.64 13.31
CA LEU A 343 0.56 -20.23 13.33
C LEU A 343 -0.65 -19.99 14.24
N ASN A 344 -0.67 -18.81 14.85
CA ASN A 344 -1.77 -18.44 15.73
C ASN A 344 -3.08 -18.38 14.95
N PRO A 345 -4.20 -18.71 15.58
CA PRO A 345 -5.50 -18.57 14.92
C PRO A 345 -5.85 -17.10 14.71
N GLN A 346 -6.31 -16.78 13.50
CA GLN A 346 -6.70 -15.41 13.19
C GLN A 346 -8.08 -15.09 13.75
N ARG A 347 -8.26 -13.82 14.15
CA ARG A 347 -9.54 -13.31 14.67
C ARG A 347 -10.03 -12.15 13.80
N PRO A 348 -10.74 -12.46 12.70
CA PRO A 348 -11.05 -11.43 11.71
C PRO A 348 -11.96 -10.35 12.23
N GLU A 349 -12.74 -10.63 13.27
CA GLU A 349 -13.64 -9.61 13.78
C GLU A 349 -12.91 -8.38 14.30
N SER A 350 -11.62 -8.52 14.62
CA SER A 350 -10.84 -7.38 15.15
C SER A 350 -9.78 -6.90 14.18
N PHE A 351 -9.91 -7.24 12.89
CA PHE A 351 -9.02 -6.67 11.90
C PHE A 351 -9.17 -5.15 11.84
N TYR A 352 -10.41 -4.66 11.76
CA TYR A 352 -10.71 -3.26 11.54
C TYR A 352 -11.30 -2.61 12.78
N GLY A 353 -10.61 -1.61 13.30
CA GLY A 353 -11.09 -0.78 14.38
C GLY A 353 -10.86 -1.42 15.73
N GLY A 354 -11.28 -0.73 16.76
CA GLY A 354 -11.16 -1.26 18.11
C GLY A 354 -9.88 -0.82 18.79
N GLY A 355 -9.32 -1.71 19.60
CA GLY A 355 -8.20 -1.39 20.45
C GLY A 355 -7.16 -2.49 20.46
N ALA A 356 -6.59 -2.75 21.63
CA ALA A 356 -5.49 -3.70 21.71
C ALA A 356 -5.93 -5.13 21.41
N GLU A 357 -7.18 -5.48 21.72
CA GLU A 357 -7.61 -6.85 21.52
C GLU A 357 -7.66 -7.16 20.01
N GLY A 358 -7.03 -8.25 19.61
CA GLY A 358 -6.92 -8.57 18.20
C GLY A 358 -5.91 -7.75 17.45
N TYR A 359 -5.04 -7.07 18.18
CA TYR A 359 -4.06 -6.17 17.57
C TYR A 359 -2.67 -6.43 18.14
N THR A 360 -2.51 -6.22 19.45
CA THR A 360 -1.22 -6.40 20.10
C THR A 360 -1.19 -7.62 21.00
N ASP A 361 -2.26 -8.42 21.00
CA ASP A 361 -2.39 -9.54 21.93
C ASP A 361 -2.18 -10.89 21.27
N TYR A 362 -1.67 -10.91 20.05
CA TYR A 362 -1.30 -12.20 19.49
C TYR A 362 0.12 -12.56 19.94
N PRO A 363 0.32 -13.75 20.49
CA PRO A 363 1.62 -14.06 21.08
C PRO A 363 2.68 -14.53 20.11
N SER A 364 3.93 -14.29 20.50
N SER A 364 3.93 -14.29 20.48
CA SER A 364 5.09 -14.90 19.88
CA SER A 364 5.04 -14.93 19.82
C SER A 364 5.28 -16.31 20.42
C SER A 364 5.15 -16.38 20.32
N LEU A 365 6.08 -17.11 19.71
CA LEU A 365 6.32 -18.48 20.14
C LEU A 365 6.98 -18.41 21.52
N1 FMN B . -3.43 -3.70 1.07
C2 FMN B . -2.88 -2.48 0.83
O2 FMN B . -2.24 -2.25 -0.19
N3 FMN B . -3.00 -1.48 1.76
C4 FMN B . -3.72 -1.70 2.92
O4 FMN B . -3.80 -0.75 3.74
C4A FMN B . -4.32 -2.91 3.14
N5 FMN B . -5.12 -3.16 4.27
C5A FMN B . -5.55 -4.44 4.54
C6 FMN B . -6.25 -4.70 5.70
C7 FMN B . -6.74 -5.97 5.98
C7M FMN B . -7.48 -6.19 7.27
C8 FMN B . -6.51 -6.98 5.07
C8M FMN B . -7.00 -8.36 5.30
C9 FMN B . -5.80 -6.72 3.91
C9A FMN B . -5.31 -5.46 3.64
N10 FMN B . -4.66 -5.19 2.44
C10 FMN B . -4.12 -3.94 2.22
C1' FMN B . -4.29 -6.29 1.51
C2' FMN B . -3.04 -6.96 2.14
O2' FMN B . -1.90 -6.09 2.10
C3' FMN B . -2.66 -8.29 1.44
O3' FMN B . -2.25 -7.99 0.12
C4' FMN B . -3.81 -9.28 1.49
O4' FMN B . -4.09 -9.36 2.90
C5' FMN B . -3.72 -10.68 0.89
O5' FMN B . -2.71 -11.37 1.48
P FMN B . -2.80 -12.49 2.65
O1P FMN B . -3.51 -13.73 2.09
O2P FMN B . -3.58 -11.85 3.79
O3P FMN B . -1.38 -12.75 3.03
HN3 FMN B . -2.55 -0.56 1.60
H6 FMN B . -6.43 -3.90 6.42
HM71 FMN B . -8.37 -6.79 7.08
HM72 FMN B . -6.83 -6.72 7.97
HM73 FMN B . -7.77 -5.23 7.70
HM81 FMN B . -6.65 -9.01 4.51
HM82 FMN B . -8.09 -8.36 5.33
HM83 FMN B . -6.61 -8.72 6.26
H9 FMN B . -5.63 -7.53 3.20
H1'1 FMN B . -4.06 -5.90 0.52
H1'2 FMN B . -5.11 -7.00 1.40
H2' FMN B . -3.32 -7.16 3.17
HO2' FMN B . -1.19 -6.49 1.54
H3' FMN B . -1.84 -8.79 1.95
HO3' FMN B . -2.60 -8.67 -0.49
H4' FMN B . -4.57 -8.88 0.81
HO4' FMN B . -4.94 -9.85 3.04
H5'1 FMN B . -4.66 -11.20 1.03
H5'2 FMN B . -3.54 -10.61 -0.18
C ACT C . -6.46 -1.77 1.00
O ACT C . -7.15 -2.81 1.22
OXT ACT C . -5.70 -1.52 0.01
CH3 ACT C . -6.62 -0.66 2.06
H1 ACT C . -5.91 -0.01 1.95
H2 ACT C . -6.57 -1.04 2.95
H3 ACT C . -7.48 -0.22 1.94
#